data_6RI3
#
_entry.id   6RI3
#
_cell.length_a   72.288
_cell.length_b   72.288
_cell.length_c   151.213
_cell.angle_alpha   90.00
_cell.angle_beta   90.00
_cell.angle_gamma   90.00
#
_symmetry.space_group_name_H-M   'P 43 21 2'
#
_entity_poly.entity_id   1
_entity_poly.type   'polypeptide(L)'
_entity_poly.pdbx_seq_one_letter_code
;MSNHTYRVTDIVGTSPEGVDQAIRNGINRASQTLHNLDWFEVVEVRGQLNDGQIAHWQVTMKVGFRLDETG
;
_entity_poly.pdbx_strand_id   A,B,C,D,E,F
#
# COMPACT_ATOMS: atom_id res chain seq x y z
N SER A 2 23.62 22.45 -20.45
CA SER A 2 23.28 23.85 -20.06
C SER A 2 22.09 23.85 -19.09
N ASN A 3 21.10 24.72 -19.29
CA ASN A 3 19.84 24.79 -18.51
C ASN A 3 18.71 24.26 -19.39
N HIS A 4 18.79 22.99 -19.76
CA HIS A 4 17.77 22.27 -20.58
C HIS A 4 16.39 22.35 -19.92
N THR A 5 15.37 22.50 -20.74
CA THR A 5 13.94 22.48 -20.36
C THR A 5 13.28 21.25 -20.99
N TYR A 6 12.46 20.52 -20.22
CA TYR A 6 11.74 19.32 -20.68
C TYR A 6 10.25 19.60 -20.61
N ARG A 7 9.49 18.89 -21.44
CA ARG A 7 8.01 18.83 -21.39
C ARG A 7 7.63 17.37 -21.13
N VAL A 8 6.50 17.13 -20.43
CA VAL A 8 6.02 15.75 -20.15
C VAL A 8 4.55 15.67 -20.57
N THR A 9 4.15 14.68 -21.37
CA THR A 9 2.73 14.29 -21.56
C THR A 9 2.56 12.81 -21.28
N ASP A 10 1.31 12.37 -21.26
CA ASP A 10 0.90 10.97 -21.06
C ASP A 10 0.72 10.36 -22.43
N ILE A 11 1.25 9.15 -22.61
CA ILE A 11 1.07 8.32 -23.83
C ILE A 11 0.52 6.97 -23.39
N VAL A 12 -0.48 6.44 -24.09
CA VAL A 12 -1.03 5.07 -23.84
C VAL A 12 -0.57 4.18 -24.98
N GLY A 13 0.35 3.26 -24.68
CA GLY A 13 0.71 2.17 -25.61
C GLY A 13 -0.19 0.98 -25.43
N THR A 14 -0.49 0.27 -26.51
CA THR A 14 -1.34 -0.94 -26.50
C THR A 14 -0.67 -2.06 -27.30
N SER A 15 -0.94 -3.31 -26.89
CA SER A 15 -0.43 -4.56 -27.50
C SER A 15 -1.32 -5.72 -27.07
N PRO A 16 -1.63 -6.67 -27.99
CA PRO A 16 -2.22 -7.94 -27.59
C PRO A 16 -1.24 -8.82 -26.80
N GLU A 17 0.06 -8.53 -26.84
CA GLU A 17 1.12 -9.47 -26.43
C GLU A 17 1.45 -9.30 -24.94
N GLY A 18 1.54 -8.07 -24.43
CA GLY A 18 1.93 -7.85 -23.03
C GLY A 18 2.34 -6.41 -22.75
N VAL A 19 2.73 -6.18 -21.50
CA VAL A 19 3.11 -4.86 -20.94
C VAL A 19 4.32 -4.31 -21.72
N ASP A 20 5.36 -5.12 -21.85
CA ASP A 20 6.66 -4.75 -22.47
C ASP A 20 6.40 -4.24 -23.90
N GLN A 21 5.62 -4.97 -24.69
CA GLN A 21 5.39 -4.61 -26.11
C GLN A 21 4.46 -3.38 -26.19
N ALA A 22 3.51 -3.25 -25.26
CA ALA A 22 2.61 -2.08 -25.16
C ALA A 22 3.45 -0.82 -24.98
N ILE A 23 4.45 -0.89 -24.12
CA ILE A 23 5.37 0.24 -23.84
C ILE A 23 6.14 0.60 -25.12
N ARG A 24 6.75 -0.40 -25.77
CA ARG A 24 7.59 -0.19 -26.98
C ARG A 24 6.70 0.44 -28.08
N ASN A 25 5.50 -0.10 -28.30
CA ASN A 25 4.56 0.42 -29.33
C ASN A 25 4.27 1.90 -29.04
N GLY A 26 4.01 2.23 -27.77
CA GLY A 26 3.69 3.61 -27.38
C GLY A 26 4.87 4.54 -27.62
N ILE A 27 6.05 4.12 -27.21
CA ILE A 27 7.29 4.94 -27.33
C ILE A 27 7.61 5.14 -28.81
N ASN A 28 7.58 4.07 -29.62
CA ASN A 28 7.84 4.09 -31.07
C ASN A 28 6.89 5.13 -31.72
N ARG A 29 5.58 5.02 -31.48
CA ARG A 29 4.60 5.92 -32.11
C ARG A 29 4.81 7.35 -31.59
N ALA A 30 5.06 7.53 -30.29
CA ALA A 30 5.29 8.86 -29.69
C ALA A 30 6.50 9.52 -30.36
N SER A 31 7.58 8.78 -30.57
CA SER A 31 8.88 9.28 -31.13
C SER A 31 8.68 9.90 -32.52
N GLN A 32 7.60 9.60 -33.23
CA GLN A 32 7.36 10.07 -34.61
C GLN A 32 6.80 11.49 -34.65
N THR A 33 6.08 11.94 -33.62
CA THR A 33 5.57 13.34 -33.54
C THR A 33 6.36 14.13 -32.50
N LEU A 34 6.80 13.49 -31.41
CA LEU A 34 7.61 14.12 -30.33
C LEU A 34 9.08 13.79 -30.54
N HIS A 35 9.93 14.81 -30.62
CA HIS A 35 11.38 14.65 -30.87
C HIS A 35 12.10 14.76 -29.50
N ASN A 36 13.27 14.17 -29.38
CA ASN A 36 14.17 14.33 -28.21
C ASN A 36 13.56 13.63 -26.98
N LEU A 37 12.89 12.49 -27.17
CA LEU A 37 12.37 11.66 -26.05
C LEU A 37 13.54 11.31 -25.12
N ASP A 38 13.41 11.62 -23.83
CA ASP A 38 14.47 11.45 -22.82
C ASP A 38 14.12 10.31 -21.87
N TRP A 39 12.90 10.24 -21.35
CA TRP A 39 12.51 9.22 -20.34
C TRP A 39 11.01 8.93 -20.41
N PHE A 40 10.60 7.84 -19.78
CA PHE A 40 9.18 7.54 -19.51
C PHE A 40 9.07 6.97 -18.10
N GLU A 41 7.90 7.17 -17.50
CA GLU A 41 7.51 6.61 -16.18
C GLU A 41 6.16 5.91 -16.37
N VAL A 42 6.10 4.60 -16.09
CA VAL A 42 4.83 3.83 -16.18
C VAL A 42 3.90 4.29 -15.05
N VAL A 43 2.68 4.69 -15.37
CA VAL A 43 1.71 5.23 -14.38
C VAL A 43 0.49 4.30 -14.25
N GLU A 44 0.19 3.47 -15.25
CA GLU A 44 -1.04 2.62 -15.18
C GLU A 44 -0.91 1.47 -16.17
N VAL A 45 -1.28 0.27 -15.75
CA VAL A 45 -1.34 -0.94 -16.62
C VAL A 45 -2.74 -1.53 -16.51
N ARG A 46 -3.43 -1.58 -17.65
CA ARG A 46 -4.82 -2.09 -17.79
C ARG A 46 -4.85 -3.21 -18.82
N GLY A 47 -5.86 -4.06 -18.76
CA GLY A 47 -6.11 -5.10 -19.75
C GLY A 47 -7.59 -5.23 -20.05
N GLN A 48 -7.93 -5.34 -21.33
CA GLN A 48 -9.31 -5.59 -21.78
C GLN A 48 -9.44 -7.11 -21.92
N LEU A 49 -10.47 -7.68 -21.31
CA LEU A 49 -10.78 -9.12 -21.43
C LEU A 49 -11.87 -9.30 -22.48
N ASN A 50 -11.71 -10.32 -23.33
CA ASN A 50 -12.58 -10.59 -24.50
C ASN A 50 -12.62 -12.11 -24.65
N ASP A 51 -13.81 -12.71 -24.62
CA ASP A 51 -14.02 -14.17 -24.78
C ASP A 51 -13.25 -14.91 -23.68
N GLY A 52 -13.21 -14.36 -22.46
CA GLY A 52 -12.48 -14.92 -21.29
C GLY A 52 -10.97 -14.95 -21.47
N GLN A 53 -10.41 -14.15 -22.39
CA GLN A 53 -8.95 -14.03 -22.66
C GLN A 53 -8.52 -12.57 -22.47
N ILE A 54 -7.23 -12.33 -22.23
CA ILE A 54 -6.62 -10.97 -22.26
C ILE A 54 -6.42 -10.58 -23.73
N ALA A 55 -7.22 -9.65 -24.24
CA ALA A 55 -7.24 -9.24 -25.67
C ALA A 55 -6.24 -8.11 -25.92
N HIS A 56 -6.21 -7.09 -25.04
CA HIS A 56 -5.35 -5.89 -25.16
C HIS A 56 -4.73 -5.57 -23.80
N TRP A 57 -3.46 -5.19 -23.80
CA TRP A 57 -2.77 -4.49 -22.69
C TRP A 57 -2.70 -2.99 -23.04
N GLN A 58 -2.99 -2.13 -22.07
CA GLN A 58 -2.89 -0.64 -22.20
C GLN A 58 -1.99 -0.13 -21.09
N VAL A 59 -0.89 0.51 -21.45
CA VAL A 59 0.09 1.06 -20.48
C VAL A 59 0.13 2.57 -20.67
N THR A 60 -0.20 3.32 -19.62
CA THR A 60 -0.10 4.79 -19.57
C THR A 60 1.28 5.12 -19.03
N MET A 61 1.98 6.01 -19.71
CA MET A 61 3.36 6.43 -19.39
C MET A 61 3.41 7.95 -19.40
N LYS A 62 4.04 8.55 -18.38
CA LYS A 62 4.58 9.91 -18.48
C LYS A 62 5.77 9.81 -19.44
N VAL A 63 5.84 10.68 -20.44
CA VAL A 63 6.96 10.72 -21.42
C VAL A 63 7.53 12.14 -21.42
N GLY A 64 8.81 12.26 -21.07
CA GLY A 64 9.58 13.52 -21.05
C GLY A 64 10.40 13.66 -22.32
N PHE A 65 10.45 14.87 -22.86
CA PHE A 65 11.22 15.20 -24.07
C PHE A 65 11.84 16.58 -23.91
N ARG A 66 13.08 16.75 -24.38
CA ARG A 66 13.80 18.04 -24.37
C ARG A 66 13.15 18.96 -25.38
N LEU A 67 12.91 20.22 -25.00
CA LEU A 67 12.49 21.30 -25.93
C LEU A 67 13.72 21.78 -26.69
N ASP A 68 13.58 21.98 -28.01
CA ASP A 68 14.63 22.51 -28.93
C ASP A 68 15.09 23.89 -28.46
N GLU A 69 16.25 24.34 -28.94
CA GLU A 69 16.91 25.62 -28.50
C GLU A 69 17.52 26.29 -29.74
N SER B 2 -30.02 -0.85 -22.91
CA SER B 2 -29.66 -0.99 -21.48
C SER B 2 -28.44 -0.11 -21.14
N ASN B 3 -28.36 0.27 -19.86
CA ASN B 3 -27.27 1.08 -19.25
C ASN B 3 -26.49 0.13 -18.35
N HIS B 4 -25.47 -0.53 -18.90
CA HIS B 4 -24.69 -1.61 -18.24
C HIS B 4 -24.11 -1.10 -16.91
N THR B 5 -24.15 -1.96 -15.88
CA THR B 5 -23.55 -1.71 -14.56
C THR B 5 -22.41 -2.71 -14.37
N TYR B 6 -21.27 -2.25 -13.85
CA TYR B 6 -20.09 -3.10 -13.58
C TYR B 6 -19.86 -3.11 -12.08
N ARG B 7 -19.29 -4.20 -11.60
CA ARG B 7 -18.74 -4.30 -10.23
C ARG B 7 -17.23 -4.47 -10.35
N VAL B 8 -16.49 -3.94 -9.38
CA VAL B 8 -15.01 -4.09 -9.32
C VAL B 8 -14.65 -4.68 -7.97
N THR B 9 -13.88 -5.78 -7.94
CA THR B 9 -13.17 -6.24 -6.71
C THR B 9 -11.68 -6.34 -7.00
N ASP B 10 -10.92 -6.56 -5.94
CA ASP B 10 -9.46 -6.79 -5.99
C ASP B 10 -9.27 -8.31 -6.03
N ILE B 11 -8.43 -8.79 -6.95
CA ILE B 11 -7.97 -10.20 -6.92
C ILE B 11 -6.45 -10.21 -6.90
N VAL B 12 -5.87 -11.12 -6.11
CA VAL B 12 -4.41 -11.36 -6.08
C VAL B 12 -4.13 -12.67 -6.81
N GLY B 13 -3.48 -12.58 -7.96
CA GLY B 13 -2.92 -13.73 -8.68
C GLY B 13 -1.51 -14.00 -8.21
N THR B 14 -1.11 -15.27 -8.18
CA THR B 14 0.26 -15.70 -7.76
C THR B 14 0.82 -16.70 -8.77
N SER B 15 2.15 -16.69 -8.91
CA SER B 15 2.91 -17.59 -9.80
C SER B 15 4.36 -17.63 -9.34
N PRO B 16 5.02 -18.81 -9.35
CA PRO B 16 6.48 -18.88 -9.21
C PRO B 16 7.22 -18.28 -10.41
N GLU B 17 6.54 -18.10 -11.55
CA GLU B 17 7.19 -17.87 -12.86
C GLU B 17 7.39 -16.37 -13.11
N GLY B 18 6.42 -15.51 -12.77
CA GLY B 18 6.53 -14.08 -13.06
C GLY B 18 5.22 -13.33 -12.98
N VAL B 19 5.29 -12.03 -13.24
CA VAL B 19 4.16 -11.06 -13.16
C VAL B 19 3.06 -11.50 -14.13
N ASP B 20 3.44 -11.74 -15.39
CA ASP B 20 2.51 -12.06 -16.51
C ASP B 20 1.69 -13.30 -16.12
N GLN B 21 2.33 -14.36 -15.64
CA GLN B 21 1.64 -15.63 -15.31
C GLN B 21 0.79 -15.45 -14.04
N ALA B 22 1.24 -14.64 -13.08
CA ALA B 22 0.50 -14.31 -11.84
C ALA B 22 -0.84 -13.67 -12.23
N ILE B 23 -0.80 -12.75 -13.19
CA ILE B 23 -2.01 -12.05 -13.71
C ILE B 23 -2.94 -13.08 -14.34
N ARG B 24 -2.44 -13.91 -15.25
CA ARG B 24 -3.27 -14.89 -16.00
C ARG B 24 -3.89 -15.87 -15.01
N ASN B 25 -3.12 -16.37 -14.05
CA ASN B 25 -3.64 -17.30 -13.01
C ASN B 25 -4.79 -16.63 -12.28
N GLY B 26 -4.63 -15.37 -11.88
CA GLY B 26 -5.65 -14.64 -11.12
C GLY B 26 -6.90 -14.44 -11.95
N ILE B 27 -6.74 -14.03 -13.20
CA ILE B 27 -7.88 -13.75 -14.12
C ILE B 27 -8.64 -15.06 -14.39
N ASN B 28 -7.91 -16.12 -14.74
CA ASN B 28 -8.47 -17.47 -15.02
C ASN B 28 -9.30 -17.91 -13.82
N ARG B 29 -8.74 -17.88 -12.62
CA ARG B 29 -9.44 -18.34 -11.40
C ARG B 29 -10.63 -17.42 -11.11
N ALA B 30 -10.47 -16.11 -11.26
CA ALA B 30 -11.56 -15.13 -11.03
C ALA B 30 -12.73 -15.43 -11.97
N SER B 31 -12.45 -15.71 -13.25
CA SER B 31 -13.45 -15.96 -14.32
C SER B 31 -14.39 -17.12 -13.97
N GLN B 32 -13.99 -18.01 -13.06
CA GLN B 32 -14.76 -19.24 -12.74
C GLN B 32 -15.87 -18.96 -11.74
N THR B 33 -15.75 -17.96 -10.86
CA THR B 33 -16.82 -17.57 -9.91
C THR B 33 -17.47 -16.26 -10.34
N LEU B 34 -16.71 -15.34 -10.93
CA LEU B 34 -17.21 -14.02 -11.42
C LEU B 34 -17.44 -14.11 -12.94
N HIS B 35 -18.64 -13.81 -13.40
CA HIS B 35 -18.99 -13.97 -14.84
C HIS B 35 -18.84 -12.60 -15.51
N ASN B 36 -18.56 -12.58 -16.82
CA ASN B 36 -18.56 -11.35 -17.66
C ASN B 36 -17.38 -10.44 -17.26
N LEU B 37 -16.22 -11.02 -16.95
CA LEU B 37 -14.98 -10.23 -16.73
C LEU B 37 -14.72 -9.34 -17.94
N ASP B 38 -14.58 -8.04 -17.72
CA ASP B 38 -14.43 -7.03 -18.78
C ASP B 38 -12.99 -6.47 -18.80
N TRP B 39 -12.43 -6.09 -17.65
CA TRP B 39 -11.09 -5.43 -17.60
C TRP B 39 -10.42 -5.69 -16.27
N PHE B 40 -9.12 -5.43 -16.20
CA PHE B 40 -8.35 -5.41 -14.93
C PHE B 40 -7.36 -4.26 -14.98
N GLU B 41 -6.98 -3.76 -13.81
CA GLU B 41 -5.94 -2.74 -13.60
C GLU B 41 -4.96 -3.28 -12.55
N VAL B 42 -3.68 -3.39 -12.89
CA VAL B 42 -2.63 -3.85 -11.93
C VAL B 42 -2.41 -2.74 -10.91
N VAL B 43 -2.52 -3.05 -9.62
CA VAL B 43 -2.38 -2.02 -8.55
C VAL B 43 -1.15 -2.34 -7.66
N GLU B 44 -0.68 -3.57 -7.62
CA GLU B 44 0.50 -3.90 -6.77
C GLU B 44 1.19 -5.16 -7.29
N VAL B 45 2.52 -5.14 -7.36
CA VAL B 45 3.32 -6.35 -7.71
C VAL B 45 4.37 -6.58 -6.62
N ARG B 46 4.31 -7.74 -5.98
CA ARG B 46 5.13 -8.15 -4.83
C ARG B 46 5.84 -9.46 -5.17
N GLY B 47 6.96 -9.72 -4.52
CA GLY B 47 7.70 -10.98 -4.67
C GLY B 47 8.24 -11.45 -3.34
N GLN B 48 8.09 -12.74 -3.05
CA GLN B 48 8.67 -13.41 -1.87
C GLN B 48 10.05 -13.91 -2.30
N LEU B 49 11.07 -13.60 -1.53
CA LEU B 49 12.44 -14.12 -1.71
C LEU B 49 12.64 -15.31 -0.78
N ASN B 50 13.39 -16.30 -1.26
CA ASN B 50 13.76 -17.54 -0.52
C ASN B 50 15.23 -17.80 -0.89
N ASP B 51 16.08 -17.90 0.15
CA ASP B 51 17.54 -17.57 0.23
C ASP B 51 18.03 -16.69 -0.93
N GLY B 52 17.49 -15.47 -1.03
CA GLY B 52 17.94 -14.42 -1.97
C GLY B 52 17.66 -14.78 -3.43
N GLN B 53 16.70 -15.69 -3.69
CA GLN B 53 16.11 -15.94 -5.04
C GLN B 53 14.59 -15.64 -5.02
N ILE B 54 14.02 -15.22 -6.15
CA ILE B 54 12.58 -14.89 -6.24
C ILE B 54 11.78 -16.20 -6.34
N ALA B 55 11.05 -16.55 -5.29
CA ALA B 55 10.25 -17.80 -5.20
C ALA B 55 8.85 -17.60 -5.79
N HIS B 56 8.16 -16.51 -5.44
CA HIS B 56 6.69 -16.31 -5.68
C HIS B 56 6.44 -14.86 -6.07
N TRP B 57 5.60 -14.64 -7.09
CA TRP B 57 5.10 -13.31 -7.50
C TRP B 57 3.65 -13.22 -7.03
N GLN B 58 3.23 -12.06 -6.49
CA GLN B 58 1.82 -11.74 -6.16
C GLN B 58 1.45 -10.43 -6.85
N VAL B 59 0.41 -10.46 -7.68
CA VAL B 59 -0.09 -9.27 -8.41
C VAL B 59 -1.52 -8.99 -7.95
N THR B 60 -1.76 -7.82 -7.36
CA THR B 60 -3.11 -7.33 -6.99
C THR B 60 -3.65 -6.53 -8.17
N MET B 61 -4.88 -6.85 -8.56
CA MET B 61 -5.57 -6.27 -9.73
C MET B 61 -6.96 -5.81 -9.29
N LYS B 62 -7.35 -4.62 -9.70
CA LYS B 62 -8.79 -4.25 -9.79
C LYS B 62 -9.34 -5.04 -10.97
N VAL B 63 -10.45 -5.76 -10.77
CA VAL B 63 -11.12 -6.55 -11.85
C VAL B 63 -12.56 -6.10 -11.95
N GLY B 64 -12.96 -5.61 -13.13
CA GLY B 64 -14.33 -5.19 -13.47
C GLY B 64 -15.08 -6.29 -14.21
N PHE B 65 -16.35 -6.49 -13.87
CA PHE B 65 -17.24 -7.49 -14.50
C PHE B 65 -18.65 -6.92 -14.61
N ARG B 66 -19.33 -7.20 -15.71
CA ARG B 66 -20.71 -6.75 -15.98
C ARG B 66 -21.64 -7.53 -15.06
N LEU B 67 -22.58 -6.86 -14.40
CA LEU B 67 -23.71 -7.51 -13.68
C LEU B 67 -24.76 -7.90 -14.72
N ASP B 68 -25.31 -9.13 -14.64
CA ASP B 68 -26.39 -9.63 -15.55
C ASP B 68 -27.64 -8.74 -15.41
N GLU B 69 -28.57 -8.79 -16.39
CA GLU B 69 -29.85 -8.03 -16.36
C GLU B 69 -31.00 -8.95 -16.78
N SER C 2 8.10 -15.04 15.14
CA SER C 2 6.81 -14.52 15.69
C SER C 2 6.94 -13.05 16.10
N ASN C 3 8.03 -12.70 16.82
CA ASN C 3 8.38 -11.29 17.19
C ASN C 3 9.55 -10.79 16.33
N HIS C 4 9.74 -11.33 15.13
CA HIS C 4 10.69 -10.83 14.11
C HIS C 4 10.37 -9.36 13.77
N THR C 5 11.40 -8.56 13.56
CA THR C 5 11.33 -7.16 13.09
C THR C 5 11.97 -7.09 11.69
N TYR C 6 11.33 -6.36 10.77
CA TYR C 6 11.82 -6.17 9.39
C TYR C 6 12.13 -4.68 9.20
N ARG C 7 13.07 -4.41 8.30
CA ARG C 7 13.39 -3.05 7.83
C ARG C 7 13.11 -3.01 6.33
N VAL C 8 12.67 -1.87 5.81
CA VAL C 8 12.37 -1.70 4.36
C VAL C 8 13.13 -0.48 3.86
N THR C 9 13.92 -0.61 2.79
CA THR C 9 14.43 0.54 2.00
C THR C 9 14.04 0.36 0.54
N ASP C 10 14.29 1.40 -0.24
CA ASP C 10 14.05 1.43 -1.70
C ASP C 10 15.36 1.05 -2.38
N ILE C 11 15.30 0.14 -3.34
CA ILE C 11 16.45 -0.21 -4.22
C ILE C 11 16.00 -0.03 -5.67
N VAL C 12 16.89 0.55 -6.49
CA VAL C 12 16.64 0.78 -7.94
C VAL C 12 17.52 -0.19 -8.71
N GLY C 13 16.90 -1.20 -9.33
CA GLY C 13 17.59 -2.08 -10.30
C GLY C 13 17.50 -1.50 -11.69
N THR C 14 18.53 -1.72 -12.49
CA THR C 14 18.61 -1.24 -13.90
C THR C 14 19.08 -2.40 -14.80
N SER C 15 18.63 -2.37 -16.05
CA SER C 15 18.95 -3.36 -17.11
C SER C 15 18.64 -2.77 -18.48
N PRO C 16 19.48 -2.97 -19.50
CA PRO C 16 19.10 -2.68 -20.89
C PRO C 16 18.02 -3.63 -21.41
N GLU C 17 17.79 -4.76 -20.73
CA GLU C 17 17.03 -5.91 -21.30
C GLU C 17 15.54 -5.77 -20.99
N GLY C 18 15.15 -5.34 -19.79
CA GLY C 18 13.72 -5.23 -19.43
C GLY C 18 13.48 -5.11 -17.94
N VAL C 19 12.19 -5.03 -17.58
CA VAL C 19 11.71 -4.84 -16.19
C VAL C 19 12.19 -6.02 -15.34
N ASP C 20 11.95 -7.24 -15.81
CA ASP C 20 12.24 -8.50 -15.08
C ASP C 20 13.73 -8.54 -14.72
N GLN C 21 14.61 -8.25 -15.67
CA GLN C 21 16.09 -8.33 -15.44
C GLN C 21 16.53 -7.17 -14.52
N ALA C 22 15.91 -6.00 -14.65
CA ALA C 22 16.18 -4.82 -13.80
C ALA C 22 15.91 -5.20 -12.34
N ILE C 23 14.80 -5.90 -12.09
CA ILE C 23 14.41 -6.38 -10.73
C ILE C 23 15.49 -7.35 -10.22
N ARG C 24 15.84 -8.36 -11.02
CA ARG C 24 16.81 -9.42 -10.61
C ARG C 24 18.18 -8.76 -10.30
N ASN C 25 18.64 -7.86 -11.16
CA ASN C 25 19.92 -7.13 -10.96
C ASN C 25 19.87 -6.41 -9.61
N GLY C 26 18.77 -5.71 -9.33
CA GLY C 26 18.62 -4.93 -8.09
C GLY C 26 18.63 -5.85 -6.88
N ILE C 27 17.88 -6.94 -6.93
CA ILE C 27 17.75 -7.90 -5.81
C ILE C 27 19.11 -8.56 -5.56
N ASN C 28 19.78 -9.05 -6.62
CA ASN C 28 21.11 -9.68 -6.54
C ASN C 28 22.07 -8.73 -5.83
N ARG C 29 22.19 -7.49 -6.30
CA ARG C 29 23.16 -6.53 -5.72
C ARG C 29 22.74 -6.20 -4.28
N ALA C 30 21.45 -6.00 -4.01
CA ALA C 30 20.95 -5.67 -2.65
C ALA C 30 21.33 -6.80 -1.68
N SER C 31 21.14 -8.06 -2.10
CA SER C 31 21.37 -9.27 -1.26
C SER C 31 22.82 -9.36 -0.76
N GLN C 32 23.75 -8.66 -1.37
CA GLN C 32 25.20 -8.73 -1.04
C GLN C 32 25.55 -7.85 0.17
N THR C 33 24.84 -6.75 0.41
CA THR C 33 25.07 -5.88 1.60
C THR C 33 23.95 -6.06 2.63
N LEU C 34 22.71 -6.32 2.18
CA LEU C 34 21.54 -6.57 3.05
C LEU C 34 21.31 -8.08 3.16
N HIS C 35 21.29 -8.62 4.36
CA HIS C 35 21.09 -10.07 4.60
C HIS C 35 19.62 -10.29 4.95
N ASN C 36 19.10 -11.49 4.68
CA ASN C 36 17.74 -11.93 5.08
C ASN C 36 16.69 -11.17 4.27
N LEU C 37 16.96 -10.88 2.99
CA LEU C 37 15.92 -10.31 2.08
C LEU C 37 14.70 -11.24 2.08
N ASP C 38 13.53 -10.69 2.37
CA ASP C 38 12.27 -11.46 2.59
C ASP C 38 11.29 -11.18 1.45
N TRP C 39 11.11 -9.92 1.06
CA TRP C 39 10.13 -9.55 0.00
C TRP C 39 10.56 -8.25 -0.67
N PHE C 40 9.96 -7.99 -1.82
CA PHE C 40 10.07 -6.69 -2.52
C PHE C 40 8.68 -6.35 -3.07
N GLU C 41 8.44 -5.06 -3.23
CA GLU C 41 7.23 -4.48 -3.83
C GLU C 41 7.68 -3.50 -4.91
N VAL C 42 7.32 -3.74 -6.16
CA VAL C 42 7.66 -2.82 -7.29
C VAL C 42 6.83 -1.55 -7.12
N VAL C 43 7.47 -0.39 -7.08
CA VAL C 43 6.77 0.90 -6.79
C VAL C 43 6.89 1.85 -7.98
N GLU C 44 7.86 1.67 -8.86
CA GLU C 44 8.06 2.58 -10.00
C GLU C 44 8.86 1.85 -11.08
N VAL C 45 8.42 1.98 -12.33
CA VAL C 45 9.17 1.50 -13.51
C VAL C 45 9.34 2.67 -14.48
N ARG C 46 10.61 2.97 -14.77
CA ARG C 46 11.05 4.08 -15.64
C ARG C 46 11.91 3.51 -16.76
N GLY C 47 12.11 4.30 -17.81
CA GLY C 47 13.09 4.06 -18.87
C GLY C 47 13.87 5.30 -19.19
N GLN C 48 15.15 5.14 -19.52
CA GLN C 48 15.97 6.18 -20.22
C GLN C 48 15.79 5.94 -21.72
N LEU C 49 15.34 6.96 -22.44
CA LEU C 49 15.13 6.90 -23.90
C LEU C 49 16.30 7.61 -24.56
N ASN C 50 16.73 7.09 -25.71
CA ASN C 50 17.75 7.72 -26.57
C ASN C 50 17.34 7.43 -28.02
N ASP C 51 17.16 8.46 -28.84
CA ASP C 51 16.86 8.34 -30.29
C ASP C 51 15.52 7.61 -30.45
N GLY C 52 14.55 7.85 -29.56
CA GLY C 52 13.24 7.18 -29.54
C GLY C 52 13.30 5.69 -29.25
N GLN C 53 14.39 5.21 -28.64
CA GLN C 53 14.59 3.79 -28.25
C GLN C 53 14.84 3.70 -26.74
N ILE C 54 14.39 2.60 -26.14
CA ILE C 54 14.58 2.31 -24.70
C ILE C 54 16.00 1.82 -24.52
N ALA C 55 16.85 2.61 -23.87
CA ALA C 55 18.27 2.24 -23.58
C ALA C 55 18.39 1.48 -22.26
N HIS C 56 17.71 1.93 -21.22
CA HIS C 56 17.79 1.40 -19.83
C HIS C 56 16.38 1.31 -19.25
N TRP C 57 16.10 0.25 -18.51
CA TRP C 57 14.95 0.13 -17.59
C TRP C 57 15.41 0.37 -16.15
N GLN C 58 14.65 1.13 -15.36
CA GLN C 58 14.92 1.40 -13.92
C GLN C 58 13.68 1.03 -13.13
N VAL C 59 13.81 0.09 -12.20
CA VAL C 59 12.69 -0.39 -11.35
C VAL C 59 13.03 -0.07 -9.90
N THR C 60 12.20 0.76 -9.26
CA THR C 60 12.28 1.08 -7.81
C THR C 60 11.42 0.05 -7.08
N MET C 61 12.00 -0.54 -6.06
CA MET C 61 11.37 -1.61 -5.26
C MET C 61 11.52 -1.24 -3.79
N LYS C 62 10.44 -1.38 -3.03
CA LYS C 62 10.52 -1.52 -1.56
C LYS C 62 11.11 -2.91 -1.33
N VAL C 63 12.16 -3.01 -0.52
CA VAL C 63 12.81 -4.32 -0.18
C VAL C 63 12.81 -4.47 1.34
N GLY C 64 12.15 -5.52 1.83
CA GLY C 64 12.06 -5.88 3.26
C GLY C 64 13.08 -6.95 3.60
N PHE C 65 13.74 -6.80 4.73
CA PHE C 65 14.76 -7.75 5.23
C PHE C 65 14.62 -7.89 6.76
N ARG C 66 14.79 -9.10 7.27
CA ARG C 66 14.73 -9.40 8.72
C ARG C 66 15.98 -8.80 9.36
N LEU C 67 15.82 -8.10 10.48
CA LEU C 67 16.94 -7.69 11.37
C LEU C 67 17.35 -8.92 12.19
N ASP C 68 18.67 -9.18 12.32
CA ASP C 68 19.22 -10.37 13.04
C ASP C 68 18.82 -10.31 14.53
N GLU C 69 18.86 -11.44 15.25
CA GLU C 69 18.20 -11.59 16.58
C GLU C 69 19.12 -12.37 17.52
N SER D 2 20.68 23.02 17.12
CA SER D 2 21.46 23.59 15.99
C SER D 2 20.79 23.19 14.66
N ASN D 3 21.58 22.71 13.69
CA ASN D 3 21.12 22.30 12.33
C ASN D 3 21.22 20.78 12.25
N HIS D 4 20.48 20.10 13.13
CA HIS D 4 20.36 18.62 13.19
C HIS D 4 19.87 18.07 11.84
N THR D 5 20.44 16.94 11.44
CA THR D 5 20.03 16.15 10.27
C THR D 5 19.41 14.84 10.76
N TYR D 6 18.29 14.42 10.16
CA TYR D 6 17.58 13.17 10.50
C TYR D 6 17.62 12.26 9.28
N ARG D 7 17.58 10.96 9.55
CA ARG D 7 17.34 9.94 8.52
C ARG D 7 16.04 9.22 8.90
N VAL D 8 15.28 8.75 7.93
CA VAL D 8 14.01 7.99 8.17
C VAL D 8 14.09 6.67 7.38
N THR D 9 13.88 5.52 8.01
CA THR D 9 13.58 4.24 7.31
C THR D 9 12.29 3.65 7.86
N ASP D 10 11.81 2.62 7.17
CA ASP D 10 10.58 1.88 7.51
C ASP D 10 11.01 0.67 8.34
N ILE D 11 10.31 0.43 9.45
CA ILE D 11 10.49 -0.83 10.22
C ILE D 11 9.10 -1.46 10.40
N VAL D 12 9.04 -2.77 10.29
CA VAL D 12 7.81 -3.58 10.54
C VAL D 12 8.02 -4.31 11.87
N GLY D 13 7.26 -3.90 12.89
CA GLY D 13 7.14 -4.61 14.17
C GLY D 13 6.05 -5.64 14.09
N THR D 14 6.23 -6.79 14.72
CA THR D 14 5.25 -7.90 14.75
C THR D 14 5.09 -8.40 16.19
N SER D 15 3.89 -8.91 16.49
CA SER D 15 3.49 -9.47 17.80
C SER D 15 2.25 -10.33 17.62
N PRO D 16 2.17 -11.49 18.31
CA PRO D 16 0.90 -12.22 18.45
C PRO D 16 -0.14 -11.46 19.27
N GLU D 17 0.28 -10.46 20.06
CA GLU D 17 -0.55 -9.89 21.16
C GLU D 17 -1.41 -8.74 20.66
N GLY D 18 -0.88 -7.85 19.82
CA GLY D 18 -1.64 -6.67 19.36
C GLY D 18 -0.76 -5.59 18.74
N VAL D 19 -1.40 -4.50 18.31
CA VAL D 19 -0.77 -3.35 17.61
C VAL D 19 0.28 -2.73 18.54
N ASP D 20 -0.09 -2.44 19.79
CA ASP D 20 0.76 -1.75 20.79
C ASP D 20 2.07 -2.53 20.97
N GLN D 21 1.99 -3.84 21.16
CA GLN D 21 3.19 -4.68 21.43
C GLN D 21 4.02 -4.83 20.14
N ALA D 22 3.36 -4.89 18.97
CA ALA D 22 4.02 -4.95 17.65
C ALA D 22 4.91 -3.70 17.49
N ILE D 23 4.40 -2.54 17.86
CA ILE D 23 5.12 -1.25 17.77
C ILE D 23 6.32 -1.32 18.70
N ARG D 24 6.13 -1.70 19.96
CA ARG D 24 7.21 -1.73 20.99
C ARG D 24 8.30 -2.70 20.53
N ASN D 25 7.93 -3.89 20.06
CA ASN D 25 8.90 -4.89 19.55
C ASN D 25 9.74 -4.26 18.43
N GLY D 26 9.09 -3.58 17.49
CA GLY D 26 9.77 -2.96 16.33
C GLY D 26 10.73 -1.88 16.78
N ILE D 27 10.26 -1.00 17.66
CA ILE D 27 11.06 0.16 18.16
C ILE D 27 12.25 -0.38 18.97
N ASN D 28 12.02 -1.32 19.89
CA ASN D 28 13.08 -1.95 20.72
C ASN D 28 14.16 -2.51 19.80
N ARG D 29 13.79 -3.33 18.83
CA ARG D 29 14.79 -3.98 17.94
C ARG D 29 15.48 -2.90 17.09
N ALA D 30 14.73 -1.92 16.56
CA ALA D 30 15.32 -0.82 15.75
C ALA D 30 16.38 -0.06 16.57
N SER D 31 16.06 0.25 17.84
CA SER D 31 16.91 1.05 18.76
C SER D 31 18.30 0.42 18.95
N GLN D 32 18.46 -0.87 18.68
CA GLN D 32 19.71 -1.62 18.95
C GLN D 32 20.74 -1.40 17.83
N THR D 33 20.33 -1.14 16.59
CA THR D 33 21.27 -0.80 15.48
C THR D 33 21.20 0.70 15.16
N LEU D 34 20.03 1.31 15.29
CA LEU D 34 19.81 2.76 15.00
C LEU D 34 19.82 3.54 16.32
N HIS D 35 20.68 4.53 16.46
CA HIS D 35 20.83 5.33 17.70
C HIS D 35 20.07 6.64 17.51
N ASN D 36 19.62 7.26 18.60
CA ASN D 36 18.98 8.61 18.59
C ASN D 36 17.62 8.54 17.88
N LEU D 37 16.86 7.46 18.06
CA LEU D 37 15.45 7.40 17.59
C LEU D 37 14.70 8.60 18.18
N ASP D 38 14.07 9.40 17.32
CA ASP D 38 13.40 10.67 17.70
C ASP D 38 11.87 10.49 17.59
N TRP D 39 11.37 9.89 16.51
CA TRP D 39 9.92 9.75 16.29
C TRP D 39 9.65 8.53 15.40
N PHE D 40 8.39 8.12 15.40
CA PHE D 40 7.87 7.12 14.45
C PHE D 40 6.49 7.58 14.03
N GLU D 41 6.11 7.18 12.82
CA GLU D 41 4.77 7.42 12.23
C GLU D 41 4.23 6.05 11.81
N VAL D 42 3.10 5.63 12.38
CA VAL D 42 2.44 4.36 11.96
C VAL D 42 1.87 4.57 10.56
N VAL D 43 2.24 3.73 9.60
CA VAL D 43 1.86 3.89 8.18
C VAL D 43 0.98 2.72 7.74
N GLU D 44 1.02 1.56 8.40
CA GLU D 44 0.20 0.40 7.99
C GLU D 44 0.04 -0.56 9.16
N VAL D 45 -1.18 -1.07 9.35
CA VAL D 45 -1.50 -2.11 10.34
C VAL D 45 -2.15 -3.29 9.63
N ARG D 46 -1.52 -4.47 9.72
CA ARG D 46 -1.97 -5.72 9.08
C ARG D 46 -2.13 -6.79 10.16
N GLY D 47 -2.99 -7.77 9.91
CA GLY D 47 -3.11 -8.97 10.76
C GLY D 47 -3.24 -10.23 9.93
N GLN D 48 -2.55 -11.28 10.35
CA GLN D 48 -2.67 -12.64 9.78
C GLN D 48 -3.71 -13.33 10.65
N LEU D 49 -4.69 -13.97 10.01
CA LEU D 49 -5.62 -14.92 10.71
C LEU D 49 -5.08 -16.34 10.59
N ASN D 50 -5.23 -17.12 11.66
CA ASN D 50 -4.78 -18.53 11.74
C ASN D 50 -5.69 -19.24 12.73
N ASP D 51 -6.33 -20.35 12.31
CA ASP D 51 -7.14 -21.21 13.22
C ASP D 51 -8.33 -20.39 13.73
N GLY D 52 -8.90 -19.53 12.87
CA GLY D 52 -10.02 -18.63 13.19
C GLY D 52 -9.68 -17.58 14.23
N GLN D 53 -8.39 -17.27 14.46
CA GLN D 53 -7.91 -16.25 15.45
C GLN D 53 -7.06 -15.22 14.72
N ILE D 54 -6.92 -14.01 15.28
CA ILE D 54 -5.86 -13.05 14.87
C ILE D 54 -4.54 -13.52 15.49
N ALA D 55 -3.64 -14.07 14.67
CA ALA D 55 -2.44 -14.82 15.08
C ALA D 55 -1.26 -13.87 15.19
N HIS D 56 -1.06 -12.98 14.21
CA HIS D 56 0.08 -12.04 14.06
C HIS D 56 -0.41 -10.66 13.69
N TRP D 57 0.10 -9.64 14.38
CA TRP D 57 -0.07 -8.22 14.02
C TRP D 57 1.24 -7.73 13.40
N GLN D 58 1.15 -6.96 12.31
CA GLN D 58 2.32 -6.33 11.64
C GLN D 58 2.04 -4.83 11.51
N VAL D 59 2.91 -4.01 12.08
CA VAL D 59 2.78 -2.53 12.04
C VAL D 59 4.01 -1.99 11.31
N THR D 60 3.80 -1.31 10.18
CA THR D 60 4.85 -0.58 9.45
C THR D 60 4.92 0.85 10.00
N MET D 61 6.12 1.29 10.33
CA MET D 61 6.39 2.60 10.95
C MET D 61 7.50 3.29 10.16
N LYS D 62 7.30 4.55 9.82
CA LYS D 62 8.43 5.44 9.47
C LYS D 62 9.13 5.72 10.79
N VAL D 63 10.45 5.56 10.85
CA VAL D 63 11.24 5.82 12.09
C VAL D 63 12.35 6.82 11.76
N GLY D 64 12.32 7.98 12.42
CA GLY D 64 13.30 9.06 12.27
C GLY D 64 14.33 9.02 13.38
N PHE D 65 15.59 9.23 13.04
CA PHE D 65 16.72 9.22 14.00
C PHE D 65 17.70 10.33 13.62
N ARG D 66 18.23 11.00 14.64
CA ARG D 66 19.26 12.06 14.49
C ARG D 66 20.55 11.36 14.03
N LEU D 67 21.25 11.98 13.10
CA LEU D 67 22.67 11.64 12.80
C LEU D 67 23.35 12.70 13.67
N ASP D 68 24.19 12.35 14.63
CA ASP D 68 24.87 13.46 15.36
C ASP D 68 25.48 13.00 16.69
N GLU D 69 25.00 11.87 17.24
CA GLU D 69 25.52 11.32 18.50
C GLU D 69 25.43 9.79 18.46
N SER E 2 0.70 -22.58 -4.10
CA SER E 2 1.77 -21.97 -4.95
C SER E 2 1.13 -21.03 -5.98
N ASN E 3 0.06 -21.48 -6.66
CA ASN E 3 -0.76 -20.66 -7.59
C ASN E 3 -2.11 -20.28 -6.95
N HIS E 4 -2.18 -20.14 -5.62
CA HIS E 4 -3.39 -19.67 -4.90
C HIS E 4 -3.81 -18.28 -5.42
N THR E 5 -5.12 -18.06 -5.55
CA THR E 5 -5.73 -16.76 -5.90
C THR E 5 -6.52 -16.26 -4.70
N TYR E 6 -6.41 -14.98 -4.37
CA TYR E 6 -7.14 -14.34 -3.25
C TYR E 6 -8.04 -13.26 -3.82
N ARG E 7 -9.13 -12.98 -3.10
CA ARG E 7 -9.98 -11.81 -3.35
C ARG E 7 -9.88 -10.90 -2.13
N VAL E 8 -9.97 -9.58 -2.34
CA VAL E 8 -9.95 -8.57 -1.24
C VAL E 8 -11.21 -7.71 -1.37
N THR E 9 -12.00 -7.57 -0.31
CA THR E 9 -13.02 -6.48 -0.19
C THR E 9 -12.80 -5.71 1.11
N ASP E 10 -13.55 -4.64 1.27
CA ASP E 10 -13.51 -3.75 2.45
C ASP E 10 -14.62 -4.22 3.39
N ILE E 11 -14.32 -4.34 4.67
CA ILE E 11 -15.37 -4.51 5.71
C ILE E 11 -15.19 -3.42 6.76
N VAL E 12 -16.30 -2.89 7.25
CA VAL E 12 -16.33 -1.89 8.36
C VAL E 12 -16.82 -2.58 9.63
N GLY E 13 -15.93 -2.76 10.60
CA GLY E 13 -16.25 -3.19 11.96
C GLY E 13 -16.59 -1.99 12.83
N THR E 14 -17.52 -2.14 13.75
CA THR E 14 -17.95 -1.07 14.68
C THR E 14 -18.03 -1.63 16.11
N SER E 15 -17.78 -0.75 17.08
CA SER E 15 -17.81 -1.04 18.54
C SER E 15 -17.91 0.28 19.30
N PRO E 16 -18.73 0.34 20.38
CA PRO E 16 -18.67 1.46 21.31
C PRO E 16 -17.38 1.48 22.12
N GLU E 17 -16.62 0.38 22.16
CA GLU E 17 -15.53 0.18 23.13
C GLU E 17 -14.20 0.72 22.60
N GLY E 18 -13.89 0.52 21.32
CA GLY E 18 -12.58 0.96 20.79
C GLY E 18 -12.23 0.33 19.47
N VAL E 19 -11.04 0.69 18.97
CA VAL E 19 -10.52 0.29 17.64
C VAL E 19 -10.39 -1.24 17.61
N ASP E 20 -9.74 -1.80 18.63
CA ASP E 20 -9.41 -3.25 18.72
C ASP E 20 -10.70 -4.07 18.66
N GLN E 21 -11.72 -3.69 19.42
CA GLN E 21 -13.01 -4.45 19.46
C GLN E 21 -13.77 -4.27 18.14
N ALA E 22 -13.70 -3.08 17.54
CA ALA E 22 -14.32 -2.79 16.22
C ALA E 22 -13.75 -3.76 15.18
N ILE E 23 -12.45 -3.96 15.21
CA ILE E 23 -11.75 -4.89 14.27
C ILE E 23 -12.26 -6.31 14.51
N ARG E 24 -12.28 -6.77 15.76
CA ARG E 24 -12.68 -8.17 16.12
C ARG E 24 -14.13 -8.38 15.68
N ASN E 25 -15.02 -7.44 15.97
CA ASN E 25 -16.45 -7.54 15.58
C ASN E 25 -16.54 -7.68 14.06
N GLY E 26 -15.79 -6.87 13.31
CA GLY E 26 -15.83 -6.90 11.83
C GLY E 26 -15.32 -8.22 11.30
N ILE E 27 -14.21 -8.69 11.83
CA ILE E 27 -13.57 -9.97 11.39
C ILE E 27 -14.50 -11.14 11.72
N ASN E 28 -15.04 -11.20 12.94
CA ASN E 28 -16.00 -12.24 13.40
C ASN E 28 -17.17 -12.29 12.43
N ARG E 29 -17.82 -11.16 12.17
CA ARG E 29 -19.02 -11.13 11.29
C ARG E 29 -18.60 -11.50 9.86
N ALA E 30 -17.48 -10.98 9.37
CA ALA E 30 -16.99 -11.28 8.00
C ALA E 30 -16.76 -12.79 7.87
N SER E 31 -16.14 -13.44 8.85
CA SER E 31 -15.78 -14.89 8.84
C SER E 31 -17.00 -15.78 8.65
N GLN E 32 -18.21 -15.29 8.91
CA GLN E 32 -19.46 -16.11 8.87
C GLN E 32 -19.97 -16.23 7.43
N THR E 33 -19.74 -15.25 6.57
CA THR E 33 -20.24 -15.19 5.17
C THR E 33 -19.07 -15.40 4.20
N LEU E 34 -17.86 -14.93 4.54
CA LEU E 34 -16.61 -15.19 3.79
C LEU E 34 -15.87 -16.35 4.46
N HIS E 35 -15.54 -17.39 3.69
CA HIS E 35 -14.69 -18.51 4.15
C HIS E 35 -13.26 -18.24 3.68
N ASN E 36 -12.30 -18.83 4.40
CA ASN E 36 -10.86 -18.80 4.05
C ASN E 36 -10.30 -17.39 4.27
N LEU E 37 -10.82 -16.63 5.25
CA LEU E 37 -10.26 -15.30 5.62
C LEU E 37 -8.78 -15.51 5.98
N ASP E 38 -7.87 -14.78 5.33
CA ASP E 38 -6.41 -14.98 5.44
C ASP E 38 -5.78 -13.79 6.18
N TRP E 39 -6.13 -12.56 5.80
CA TRP E 39 -5.48 -11.35 6.37
C TRP E 39 -6.43 -10.17 6.28
N PHE E 40 -6.10 -9.12 7.03
CA PHE E 40 -6.76 -7.81 6.94
C PHE E 40 -5.70 -6.73 7.06
N GLU E 41 -5.99 -5.57 6.49
CA GLU E 41 -5.19 -4.33 6.55
C GLU E 41 -6.13 -3.22 7.00
N VAL E 42 -5.83 -2.57 8.12
CA VAL E 42 -6.65 -1.41 8.61
C VAL E 42 -6.38 -0.23 7.67
N VAL E 43 -7.42 0.35 7.10
CA VAL E 43 -7.29 1.41 6.05
C VAL E 43 -7.93 2.72 6.56
N GLU E 44 -8.85 2.67 7.53
CA GLU E 44 -9.49 3.90 8.04
C GLU E 44 -10.01 3.65 9.45
N VAL E 45 -9.83 4.63 10.34
CA VAL E 45 -10.45 4.63 11.69
C VAL E 45 -11.25 5.93 11.83
N ARG E 46 -12.55 5.80 12.08
CA ARG E 46 -13.52 6.89 12.23
C ARG E 46 -14.23 6.74 13.57
N GLY E 47 -14.91 7.81 14.00
CA GLY E 47 -15.78 7.80 15.18
C GLY E 47 -17.02 8.59 14.93
N GLN E 48 -18.14 8.13 15.48
CA GLN E 48 -19.39 8.92 15.67
C GLN E 48 -19.26 9.59 17.03
N LEU E 49 -19.40 10.91 17.08
CA LEU E 49 -19.40 11.67 18.36
C LEU E 49 -20.84 11.99 18.73
N ASN E 50 -21.13 12.02 20.02
CA ASN E 50 -22.41 12.47 20.63
C ASN E 50 -22.04 13.33 21.86
N ASP E 51 -22.54 14.57 21.87
CA ASP E 51 -21.95 15.70 22.65
C ASP E 51 -20.49 15.78 22.21
N GLY E 52 -19.54 15.69 23.14
CA GLY E 52 -18.09 15.56 22.84
C GLY E 52 -17.56 14.19 23.26
N GLN E 53 -18.40 13.15 23.13
CA GLN E 53 -18.06 11.76 23.57
C GLN E 53 -18.11 10.80 22.36
N ILE E 54 -17.17 9.88 22.33
CA ILE E 54 -17.00 8.90 21.24
C ILE E 54 -18.02 7.78 21.48
N ALA E 55 -19.06 7.71 20.65
CA ALA E 55 -20.19 6.77 20.78
C ALA E 55 -19.89 5.46 20.05
N HIS E 56 -19.35 5.53 18.84
CA HIS E 56 -19.03 4.37 17.97
C HIS E 56 -17.64 4.58 17.37
N TRP E 57 -16.83 3.51 17.35
CA TRP E 57 -15.61 3.41 16.51
C TRP E 57 -15.95 2.60 15.27
N GLN E 58 -15.52 3.08 14.10
CA GLN E 58 -15.70 2.42 12.78
C GLN E 58 -14.33 2.22 12.16
N VAL E 59 -13.97 0.97 11.91
CA VAL E 59 -12.65 0.60 11.34
C VAL E 59 -12.92 -0.06 9.98
N THR E 60 -12.41 0.54 8.91
CA THR E 60 -12.44 -0.04 7.55
C THR E 60 -11.16 -0.87 7.39
N MET E 61 -11.35 -2.10 6.93
CA MET E 61 -10.28 -3.09 6.74
C MET E 61 -10.38 -3.62 5.33
N LYS E 62 -9.26 -3.69 4.62
CA LYS E 62 -9.11 -4.59 3.45
C LYS E 62 -9.04 -5.99 4.05
N VAL E 63 -9.85 -6.92 3.53
CA VAL E 63 -9.88 -8.33 4.01
C VAL E 63 -9.64 -9.24 2.80
N GLY E 64 -8.59 -10.05 2.88
CA GLY E 64 -8.22 -11.04 1.87
C GLY E 64 -8.67 -12.42 2.25
N PHE E 65 -9.17 -13.17 1.28
CA PHE E 65 -9.67 -14.56 1.46
C PHE E 65 -9.31 -15.39 0.23
N ARG E 66 -8.92 -16.64 0.43
CA ARG E 66 -8.55 -17.57 -0.68
C ARG E 66 -9.81 -17.96 -1.42
N LEU E 67 -9.77 -17.95 -2.75
CA LEU E 67 -10.83 -18.59 -3.60
C LEU E 67 -10.57 -20.10 -3.62
N ASP E 68 -11.61 -20.93 -3.44
CA ASP E 68 -11.51 -22.43 -3.47
C ASP E 68 -10.97 -22.89 -4.83
N GLU E 69 -10.44 -24.12 -4.91
CA GLU E 69 -9.76 -24.67 -6.12
C GLU E 69 -10.20 -26.12 -6.34
N SER F 2 -32.75 18.65 7.67
CA SER F 2 -32.75 17.95 6.34
C SER F 2 -31.53 18.39 5.53
N ASN F 3 -31.29 19.70 5.42
CA ASN F 3 -30.20 20.31 4.62
C ASN F 3 -29.10 20.86 5.54
N HIS F 4 -28.72 20.11 6.56
CA HIS F 4 -27.63 20.43 7.52
C HIS F 4 -26.32 20.65 6.76
N THR F 5 -25.53 21.62 7.22
CA THR F 5 -24.18 21.95 6.73
C THR F 5 -23.16 21.62 7.83
N TYR F 6 -22.05 21.00 7.46
CA TYR F 6 -20.96 20.63 8.40
C TYR F 6 -19.71 21.39 7.99
N ARG F 7 -18.82 21.61 8.94
CA ARG F 7 -17.45 22.10 8.73
C ARG F 7 -16.49 21.04 9.25
N VAL F 8 -15.29 20.94 8.67
CA VAL F 8 -14.26 19.96 9.09
C VAL F 8 -12.94 20.72 9.26
N THR F 9 -12.27 20.56 10.40
CA THR F 9 -10.89 21.02 10.67
C THR F 9 -10.07 19.83 11.17
N ASP F 10 -8.75 19.97 11.22
CA ASP F 10 -7.80 18.98 11.74
C ASP F 10 -7.53 19.33 13.20
N ILE F 11 -7.53 18.32 14.06
CA ILE F 11 -7.18 18.44 15.50
C ILE F 11 -6.10 17.42 15.81
N VAL F 12 -5.07 17.81 16.56
CA VAL F 12 -4.00 16.87 17.03
C VAL F 12 -4.20 16.65 18.53
N GLY F 13 -4.64 15.45 18.90
CA GLY F 13 -4.65 15.02 20.30
C GLY F 13 -3.34 14.37 20.68
N THR F 14 -2.91 14.54 21.92
CA THR F 14 -1.66 13.96 22.47
C THR F 14 -1.93 13.31 23.82
N SER F 15 -1.15 12.28 24.15
CA SER F 15 -1.23 11.49 25.40
C SER F 15 0.06 10.71 25.59
N PRO F 16 0.60 10.62 26.83
CA PRO F 16 1.66 9.66 27.12
C PRO F 16 1.16 8.21 27.11
N GLU F 17 -0.16 7.99 27.15
CA GLU F 17 -0.75 6.66 27.44
C GLU F 17 -0.91 5.84 26.13
N GLY F 18 -1.36 6.45 25.04
CA GLY F 18 -1.61 5.69 23.79
C GLY F 18 -2.49 6.43 22.81
N VAL F 19 -2.76 5.79 21.69
CA VAL F 19 -3.53 6.33 20.53
C VAL F 19 -4.93 6.68 21.02
N ASP F 20 -5.60 5.74 21.70
CA ASP F 20 -7.01 5.86 22.16
C ASP F 20 -7.15 7.09 23.05
N GLN F 21 -6.25 7.28 24.02
CA GLN F 21 -6.34 8.40 24.98
C GLN F 21 -5.97 9.74 24.27
N ALA F 22 -5.04 9.70 23.31
CA ALA F 22 -4.66 10.86 22.48
C ALA F 22 -5.90 11.38 21.75
N ILE F 23 -6.69 10.47 21.20
CA ILE F 23 -7.93 10.81 20.46
C ILE F 23 -8.92 11.45 21.44
N ARG F 24 -9.16 10.82 22.60
CA ARG F 24 -10.15 11.30 23.60
C ARG F 24 -9.73 12.69 24.09
N ASN F 25 -8.45 12.88 24.41
CA ASN F 25 -7.93 14.21 24.85
C ASN F 25 -8.22 15.25 23.76
N GLY F 26 -7.95 14.92 22.50
CA GLY F 26 -8.15 15.87 21.38
C GLY F 26 -9.61 16.21 21.21
N ILE F 27 -10.48 15.20 21.25
CA ILE F 27 -11.94 15.39 21.06
C ILE F 27 -12.50 16.22 22.21
N ASN F 28 -12.15 15.86 23.45
CA ASN F 28 -12.61 16.57 24.69
C ASN F 28 -12.22 18.04 24.56
N ARG F 29 -10.96 18.34 24.26
CA ARG F 29 -10.49 19.74 24.19
C ARG F 29 -11.16 20.44 23.02
N ALA F 30 -11.29 19.78 21.86
CA ALA F 30 -11.94 20.37 20.67
C ALA F 30 -13.39 20.74 21.01
N SER F 31 -14.12 19.86 21.69
CA SER F 31 -15.57 20.02 22.05
C SER F 31 -15.82 21.30 22.85
N GLN F 32 -14.80 21.88 23.48
CA GLN F 32 -14.95 23.07 24.37
C GLN F 32 -14.98 24.37 23.56
N THR F 33 -14.36 24.44 22.37
CA THR F 33 -14.42 25.64 21.49
C THR F 33 -15.33 25.36 20.28
N LEU F 34 -15.35 24.12 19.77
CA LEU F 34 -16.22 23.70 18.63
C LEU F 34 -17.46 23.00 19.18
N HIS F 35 -18.64 23.46 18.81
CA HIS F 35 -19.92 22.88 19.27
C HIS F 35 -20.45 21.93 18.19
N ASN F 36 -21.25 20.94 18.58
CA ASN F 36 -21.99 20.04 17.65
C ASN F 36 -21.00 19.11 16.93
N LEU F 37 -19.95 18.66 17.61
CA LEU F 37 -19.02 17.62 17.05
C LEU F 37 -19.85 16.40 16.65
N ASP F 38 -19.72 15.96 15.40
CA ASP F 38 -20.50 14.86 14.81
C ASP F 38 -19.60 13.63 14.59
N TRP F 39 -18.40 13.80 14.02
CA TRP F 39 -17.52 12.65 13.66
C TRP F 39 -16.05 13.07 13.65
N PHE F 40 -15.16 12.09 13.64
CA PHE F 40 -13.71 12.30 13.41
C PHE F 40 -13.20 11.16 12.53
N GLU F 41 -12.12 11.43 11.81
CA GLU F 41 -11.40 10.48 10.93
C GLU F 41 -9.91 10.59 11.28
N VAL F 42 -9.28 9.50 11.72
CA VAL F 42 -7.83 9.50 12.05
C VAL F 42 -7.06 9.61 10.73
N VAL F 43 -6.16 10.58 10.61
CA VAL F 43 -5.37 10.81 9.38
C VAL F 43 -3.88 10.54 9.62
N GLU F 44 -3.39 10.60 10.85
CA GLU F 44 -1.96 10.38 11.14
C GLU F 44 -1.79 10.00 12.61
N VAL F 45 -0.96 9.00 12.88
CA VAL F 45 -0.54 8.63 14.26
C VAL F 45 0.98 8.62 14.32
N ARG F 46 1.52 9.45 15.22
CA ARG F 46 2.97 9.64 15.46
C ARG F 46 3.26 9.34 16.92
N GLY F 47 4.52 9.01 17.22
CA GLY F 47 5.05 8.94 18.59
C GLY F 47 6.38 9.65 18.68
N GLN F 48 6.57 10.44 19.75
CA GLN F 48 7.85 11.07 20.09
C GLN F 48 8.60 10.11 21.00
N LEU F 49 9.83 9.77 20.62
CA LEU F 49 10.69 8.83 21.36
C LEU F 49 11.70 9.66 22.16
N ASN F 50 12.06 9.17 23.34
CA ASN F 50 13.10 9.73 24.23
C ASN F 50 13.80 8.54 24.90
N ASP F 51 15.14 8.46 24.75
CA ASP F 51 15.97 7.32 25.21
C ASP F 51 15.46 6.03 24.56
N GLY F 52 15.00 6.08 23.30
CA GLY F 52 14.41 4.94 22.57
C GLY F 52 13.12 4.39 23.18
N GLN F 53 12.41 5.18 24.00
CA GLN F 53 11.11 4.83 24.63
C GLN F 53 10.03 5.85 24.23
N ILE F 54 8.77 5.40 24.17
CA ILE F 54 7.64 6.20 23.63
C ILE F 54 7.20 7.16 24.74
N ALA F 55 7.45 8.46 24.58
CA ALA F 55 7.08 9.52 25.55
C ALA F 55 5.65 10.01 25.29
N HIS F 56 5.30 10.28 24.03
CA HIS F 56 4.09 11.02 23.60
C HIS F 56 3.51 10.33 22.37
N TRP F 57 2.19 10.15 22.33
CA TRP F 57 1.44 9.79 21.11
C TRP F 57 0.76 11.05 20.58
N GLN F 58 0.79 11.28 19.26
CA GLN F 58 0.12 12.41 18.58
C GLN F 58 -0.76 11.86 17.47
N VAL F 59 -2.06 12.13 17.54
CA VAL F 59 -3.05 11.63 16.55
C VAL F 59 -3.70 12.84 15.91
N THR F 60 -3.53 12.99 14.58
CA THR F 60 -4.18 14.01 13.75
C THR F 60 -5.50 13.42 13.26
N MET F 61 -6.58 14.17 13.44
CA MET F 61 -7.97 13.73 13.13
C MET F 61 -8.61 14.85 12.30
N LYS F 62 -9.32 14.49 11.25
CA LYS F 62 -10.38 15.33 10.66
C LYS F 62 -11.52 15.30 11.66
N VAL F 63 -12.06 16.46 12.04
CA VAL F 63 -13.21 16.56 12.99
C VAL F 63 -14.31 17.39 12.31
N GLY F 64 -15.48 16.78 12.14
CA GLY F 64 -16.68 17.39 11.54
C GLY F 64 -17.64 17.84 12.62
N PHE F 65 -18.25 19.02 12.42
CA PHE F 65 -19.20 19.62 13.36
C PHE F 65 -20.30 20.33 12.56
N ARG F 66 -21.55 20.23 13.02
CA ARG F 66 -22.73 20.89 12.41
C ARG F 66 -22.60 22.39 12.66
N LEU F 67 -22.82 23.21 11.64
CA LEU F 67 -22.99 24.68 11.80
C LEU F 67 -24.41 24.96 12.32
N ASP F 68 -24.53 25.86 13.31
CA ASP F 68 -25.81 26.36 13.90
C ASP F 68 -26.61 27.14 12.86
N GLU F 69 -27.68 27.83 13.27
CA GLU F 69 -28.59 28.61 12.38
C GLU F 69 -28.98 29.93 13.06
#